data_8K0R
#
_entry.id   8K0R
#
_cell.length_a   1.00
_cell.length_b   1.00
_cell.length_c   1.00
_cell.angle_alpha   90.00
_cell.angle_beta   90.00
_cell.angle_gamma   90.00
#
_symmetry.space_group_name_H-M   'P 1'
#
loop_
_entity.id
_entity.type
_entity.pdbx_description
1 polymer 'RNA (542-MER)'
2 polymer DNA
3 non-polymer 'MAGNESIUM ION'
#
loop_
_entity_poly.entity_id
_entity_poly.type
_entity_poly.pdbx_seq_one_letter_code
_entity_poly.pdbx_strand_id
1 'polyribonucleotide'
;GUGCGCUCGGCAUGGGUGCAAUCUCUAGGGUGAAAGUCCCGAACUGCGAAGGCAGAAGUAGCAGUUAGCUUAACGCAAGG
GUGUCCGUGGUGACGCGGAAUCUGAAGGAAGCGGGCGGCAAACUUCCGGUCUGAGGAACACGAACUUCAUAUAAGGCUAG
GUAUCAUUGGAUGAGUUUGCAAGACAAAACAAAGUCCUUUCUGCCGAAGGUGAUACAGAGUAAAUGAAGCAGAUAGAUGG
AAGGAAAGAUUGUACUCUUACCCGAGGAGGUCUGAUGGAUACGUGAAGUGCGCUUCAUAACCUACUUAGUGAUAAGUAAC
UGAACCAUCAGAAGUCAGCAGAGGUCAUAGUACGAAUCGGUCUAGAACGAUUCGGAAGGACUGAACAAUCAAGAGAAAAU
AGCCCUUGGCAUUCAGUACGUCAUGAUGAACACAGAAAACAUGGUACCUCCCAAGAGAAAGGAAACGGUGAAUCCCGUGG
GAAUCUUUUGGAGGGUGGAGUGACGACUGGCAUAAGAAGAUCAGCUAUUUACGGAAGGAAGCUUGCGUCAUUAUCUUGAU
UGAACCGCCGUAUACGGAACCGUACGUACGGUGGUGUGAGAGGACGGAGGUUAAUCACCUCCUCCUACUCGAU
;
A,C
2 'polydeoxyribonucleotide' (DT)(DG)(DT)(DC)(DT)(DT) D,H
#
loop_
_chem_comp.id
_chem_comp.type
_chem_comp.name
_chem_comp.formula
A RNA linking ADENOSINE-5'-MONOPHOSPHATE 'C10 H14 N5 O7 P'
C RNA linking CYTIDINE-5'-MONOPHOSPHATE 'C9 H14 N3 O8 P'
DC DNA linking 2'-DEOXYCYTIDINE-5'-MONOPHOSPHATE 'C9 H14 N3 O7 P'
DG DNA linking 2'-DEOXYGUANOSINE-5'-MONOPHOSPHATE 'C10 H14 N5 O7 P'
DT DNA linking THYMIDINE-5'-MONOPHOSPHATE 'C10 H15 N2 O8 P'
G RNA linking GUANOSINE-5'-MONOPHOSPHATE 'C10 H14 N5 O8 P'
MG non-polymer 'MAGNESIUM ION' 'Mg 2'
U RNA linking URIDINE-5'-MONOPHOSPHATE 'C9 H13 N2 O9 P'
#
# COMPACT_ATOMS: atom_id res chain seq x y z
MG MG E . 44.96 6.48 34.93
MG MG F . -44.96 -6.48 -34.93
#